data_4UUR
#
_entry.id   4UUR
#
_cell.length_a   42.910
_cell.length_b   72.250
_cell.length_c   88.310
_cell.angle_alpha   90.00
_cell.angle_beta   90.00
_cell.angle_gamma   90.00
#
_symmetry.space_group_name_H-M   'P 21 21 21'
#
loop_
_entity.id
_entity.type
_entity.pdbx_description
1 polymer 'PUTATIVE HEMOGLOBIN-LIKE OXYGEN-BINDING PROTEIN'
2 non-polymer 'PROTOPORPHYRIN IX CONTAINING FE'
3 water water
#
_entity_poly.entity_id   1
_entity_poly.type   'polypeptide(L)'
_entity_poly.pdbx_seq_one_letter_code
;MIKRLFSKSKPATIEQTPTPEKTPYEILGGEAGALAIANRFYDIMATDEYAKPLYDMHPLPLDRIRQVFFEFLSGWLGGP
DLFVAKHGHPMLRKRHMPFTIDQDLRDQWMYCMNKTLDLEVDNPLLREGLKQSFGQLASHMINQH
;
_entity_poly.pdbx_strand_id   A,B
#
# COMPACT_ATOMS: atom_id res chain seq x y z
N LYS A 22 -0.83 -27.44 17.29
CA LYS A 22 0.40 -26.69 16.85
C LYS A 22 -0.01 -25.72 15.75
N THR A 23 0.48 -24.49 15.81
CA THR A 23 0.18 -23.47 14.79
C THR A 23 1.08 -23.60 13.56
N PRO A 24 0.60 -23.07 12.40
CA PRO A 24 1.43 -22.99 11.20
C PRO A 24 2.79 -22.37 11.48
N TYR A 25 2.80 -21.29 12.26
CA TYR A 25 4.03 -20.66 12.68
C TYR A 25 4.94 -21.67 13.33
N GLU A 26 4.40 -22.48 14.22
CA GLU A 26 5.24 -23.43 14.98
C GLU A 26 5.79 -24.52 14.05
N ILE A 27 4.91 -25.12 13.26
CA ILE A 27 5.23 -26.16 12.33
C ILE A 27 6.32 -25.73 11.33
N LEU A 28 6.23 -24.50 10.81
CA LEU A 28 7.21 -23.93 9.87
C LEU A 28 8.51 -23.42 10.50
N GLY A 29 8.72 -23.59 11.81
CA GLY A 29 10.00 -23.19 12.44
C GLY A 29 10.02 -21.79 12.97
N GLY A 30 8.85 -21.17 13.11
CA GLY A 30 8.75 -19.82 13.62
C GLY A 30 9.20 -18.70 12.68
N GLU A 31 9.97 -17.76 13.24
CA GLU A 31 10.41 -16.56 12.56
C GLU A 31 11.16 -16.83 11.26
N ALA A 32 12.22 -17.64 11.37
CA ALA A 32 13.02 -18.08 10.24
C ALA A 32 12.17 -18.69 9.09
N GLY A 33 11.09 -19.39 9.44
CA GLY A 33 10.14 -19.93 8.50
C GLY A 33 9.31 -18.86 7.83
N ALA A 34 8.77 -17.92 8.62
CA ALA A 34 8.00 -16.80 8.05
C ALA A 34 8.88 -15.91 7.18
N LEU A 35 10.06 -15.55 7.67
CA LEU A 35 11.05 -14.82 6.87
C LEU A 35 11.34 -15.49 5.53
N ALA A 36 11.63 -16.80 5.56
CA ALA A 36 11.96 -17.53 4.34
C ALA A 36 10.83 -17.55 3.34
N ILE A 37 9.59 -17.65 3.78
CA ILE A 37 8.43 -17.56 2.88
C ILE A 37 8.28 -16.18 2.19
N ALA A 38 8.40 -15.15 3.01
CA ALA A 38 8.24 -13.78 2.55
C ALA A 38 9.32 -13.49 1.51
N ASN A 39 10.55 -13.89 1.81
CA ASN A 39 11.64 -13.61 0.94
C ASN A 39 11.63 -14.42 -0.31
N ARG A 40 11.31 -15.69 -0.23
CA ARG A 40 11.21 -16.57 -1.40
C ARG A 40 10.11 -16.06 -2.35
N PHE A 41 8.98 -15.65 -1.79
CA PHE A 41 7.85 -15.10 -2.55
C PHE A 41 8.31 -13.97 -3.46
N TYR A 42 8.98 -12.97 -2.89
CA TYR A 42 9.43 -11.81 -3.66
C TYR A 42 10.61 -12.18 -4.55
N ASP A 43 11.43 -13.12 -4.12
CA ASP A 43 12.55 -13.55 -4.93
C ASP A 43 12.08 -14.11 -6.26
N ILE A 44 10.99 -14.88 -6.20
CA ILE A 44 10.40 -15.50 -7.36
C ILE A 44 9.62 -14.47 -8.18
N MET A 45 8.85 -13.62 -7.48
CA MET A 45 8.07 -12.59 -8.15
C MET A 45 8.95 -11.72 -9.02
N ALA A 46 10.14 -11.39 -8.50
CA ALA A 46 11.04 -10.43 -9.11
C ALA A 46 11.78 -10.94 -10.37
N THR A 47 11.65 -12.22 -10.68
CA THR A 47 12.37 -12.75 -11.81
C THR A 47 11.56 -13.61 -12.72
N ASP A 48 10.35 -13.95 -12.34
CA ASP A 48 9.64 -14.92 -13.11
C ASP A 48 8.81 -14.12 -14.09
N GLU A 49 8.72 -14.62 -15.32
CA GLU A 49 8.18 -13.84 -16.43
C GLU A 49 6.72 -13.63 -16.24
N TYR A 50 5.98 -14.70 -16.05
CA TYR A 50 4.55 -14.56 -15.87
C TYR A 50 4.11 -13.55 -14.80
N ALA A 51 4.99 -13.19 -13.84
CA ALA A 51 4.60 -12.26 -12.76
C ALA A 51 5.19 -10.84 -12.91
N LYS A 52 5.91 -10.57 -13.99
CA LYS A 52 6.40 -9.22 -14.24
C LYS A 52 5.32 -8.16 -13.96
N PRO A 53 4.10 -8.37 -14.44
CA PRO A 53 3.09 -7.34 -14.22
C PRO A 53 2.84 -7.07 -12.73
N LEU A 54 2.68 -8.13 -11.95
CA LEU A 54 2.56 -7.98 -10.51
C LEU A 54 3.80 -7.32 -9.91
N TYR A 55 4.98 -7.71 -10.37
CA TYR A 55 6.22 -7.17 -9.92
C TYR A 55 6.32 -5.65 -10.15
N ASP A 56 5.93 -5.24 -11.34
CA ASP A 56 5.93 -3.84 -11.76
C ASP A 56 4.99 -2.90 -10.93
N MET A 57 4.06 -3.44 -10.17
CA MET A 57 3.29 -2.62 -9.28
C MET A 57 4.12 -2.27 -8.01
N HIS A 58 5.27 -2.90 -7.86
CA HIS A 58 6.07 -2.66 -6.66
C HIS A 58 7.20 -1.67 -6.95
N PRO A 59 7.16 -0.46 -6.39
CA PRO A 59 8.29 0.46 -6.53
C PRO A 59 9.50 -0.08 -5.79
N LEU A 60 10.65 -0.02 -6.43
CA LEU A 60 11.82 -0.65 -5.89
C LEU A 60 12.51 0.32 -4.97
N PRO A 61 13.40 -0.17 -4.11
CA PRO A 61 13.70 -1.56 -3.87
C PRO A 61 12.64 -2.21 -2.96
N LEU A 62 12.65 -3.55 -2.91
CA LEU A 62 11.71 -4.32 -2.10
C LEU A 62 11.97 -4.44 -0.61
N ASP A 63 12.96 -3.75 -0.09
CA ASP A 63 13.38 -4.00 1.31
C ASP A 63 12.23 -3.86 2.31
N ARG A 64 11.46 -2.78 2.19
CA ARG A 64 10.41 -2.52 3.17
C ARG A 64 9.23 -3.51 3.05
N ILE A 65 8.78 -3.79 1.80
CA ILE A 65 7.65 -4.70 1.63
C ILE A 65 8.03 -6.15 1.99
N ARG A 66 9.28 -6.54 1.74
CA ARG A 66 9.75 -7.82 2.23
C ARG A 66 9.52 -7.93 3.77
N GLN A 67 9.98 -6.89 4.48
CA GLN A 67 9.91 -6.81 5.94
C GLN A 67 8.44 -6.73 6.40
N VAL A 68 7.66 -5.86 5.77
CA VAL A 68 6.26 -5.73 6.14
C VAL A 68 5.49 -7.02 5.94
N PHE A 69 5.64 -7.64 4.76
CA PHE A 69 4.93 -8.90 4.49
C PHE A 69 5.33 -9.95 5.53
N PHE A 70 6.60 -10.01 5.90
CA PHE A 70 7.05 -10.92 6.97
C PHE A 70 6.30 -10.66 8.28
N GLU A 71 6.32 -9.39 8.71
CA GLU A 71 5.58 -8.94 9.88
C GLU A 71 4.18 -9.42 9.81
N PHE A 72 3.57 -9.35 8.62
CA PHE A 72 2.18 -9.83 8.49
C PHE A 72 2.07 -11.31 8.70
N LEU A 73 2.97 -12.05 8.04
CA LEU A 73 3.00 -13.52 8.14
C LEU A 73 3.24 -14.01 9.56
N SER A 74 4.13 -13.38 10.31
CA SER A 74 4.31 -13.82 11.68
C SER A 74 2.98 -13.92 12.47
N GLY A 75 2.10 -12.94 12.38
CA GLY A 75 0.83 -13.04 13.07
C GLY A 75 -0.23 -13.87 12.36
N TRP A 76 -0.33 -13.73 11.05
CA TRP A 76 -1.32 -14.54 10.32
C TRP A 76 -1.10 -16.06 10.50
N LEU A 77 0.13 -16.45 10.83
CA LEU A 77 0.47 -17.87 11.12
C LEU A 77 0.50 -18.24 12.63
N GLY A 78 0.30 -17.27 13.52
CA GLY A 78 0.15 -17.54 14.94
C GLY A 78 1.39 -17.24 15.72
N GLY A 79 2.28 -16.42 15.21
CA GLY A 79 3.45 -15.97 15.96
C GLY A 79 3.12 -14.59 16.49
N PRO A 80 4.14 -13.82 16.88
CA PRO A 80 3.85 -12.44 17.23
C PRO A 80 3.15 -11.65 16.11
N ASP A 81 1.99 -11.07 16.42
CA ASP A 81 1.38 -10.03 15.58
C ASP A 81 2.38 -8.93 15.52
N LEU A 82 3.27 -8.98 14.55
CA LEU A 82 4.25 -7.93 14.40
C LEU A 82 3.63 -6.83 13.55
N PHE A 83 2.73 -7.22 12.65
CA PHE A 83 2.02 -6.30 11.76
C PHE A 83 1.06 -5.48 12.58
N VAL A 84 0.07 -6.14 13.19
CA VAL A 84 -0.90 -5.44 14.01
C VAL A 84 -0.24 -4.61 15.15
N ALA A 85 0.92 -5.01 15.64
CA ALA A 85 1.66 -4.18 16.58
C ALA A 85 2.09 -2.87 15.94
N LYS A 86 2.59 -2.94 14.73
CA LYS A 86 3.29 -1.80 14.15
C LYS A 86 2.45 -1.00 13.16
N HIS A 87 1.47 -1.64 12.51
CA HIS A 87 0.69 -1.00 11.44
C HIS A 87 -0.81 -1.03 11.68
N GLY A 88 -1.30 -1.67 12.74
CA GLY A 88 -2.74 -1.84 12.97
C GLY A 88 -3.35 -3.03 12.24
N HIS A 89 -4.67 -3.21 12.34
CA HIS A 89 -5.35 -4.37 11.74
C HIS A 89 -5.18 -4.50 10.20
N PRO A 90 -4.94 -5.73 9.70
CA PRO A 90 -4.85 -6.09 8.29
C PRO A 90 -5.78 -5.38 7.29
N MET A 91 -7.09 -5.49 7.47
CA MET A 91 -7.99 -4.79 6.57
C MET A 91 -7.45 -4.94 5.15
N LEU A 92 -6.92 -6.11 4.83
CA LEU A 92 -6.19 -6.28 3.58
C LEU A 92 -6.97 -5.81 2.37
N ARG A 93 -8.28 -6.11 2.28
CA ARG A 93 -9.03 -5.74 1.08
C ARG A 93 -8.91 -4.25 0.82
N LYS A 94 -9.10 -3.50 1.91
CA LYS A 94 -9.11 -2.04 1.96
C LYS A 94 -7.73 -1.50 1.65
N ARG A 95 -6.73 -1.99 2.38
CA ARG A 95 -5.32 -1.67 2.12
C ARG A 95 -4.85 -1.85 0.68
N HIS A 96 -5.45 -2.78 -0.08
CA HIS A 96 -5.24 -2.92 -1.54
C HIS A 96 -6.12 -2.09 -2.43
N MET A 97 -7.06 -1.34 -1.86
CA MET A 97 -8.00 -0.53 -2.68
C MET A 97 -7.34 0.57 -3.52
N PRO A 98 -6.16 1.10 -3.09
CA PRO A 98 -5.46 2.04 -3.97
C PRO A 98 -5.10 1.43 -5.31
N PHE A 99 -4.96 0.10 -5.40
CA PHE A 99 -4.52 -0.56 -6.64
C PHE A 99 -5.71 -1.15 -7.41
N THR A 100 -5.47 -1.33 -8.70
CA THR A 100 -6.37 -2.06 -9.56
C THR A 100 -5.91 -3.51 -9.54
N ILE A 101 -6.73 -4.41 -9.00
CA ILE A 101 -6.39 -5.84 -8.94
C ILE A 101 -7.48 -6.68 -9.62
N ASP A 102 -7.16 -7.24 -10.79
CA ASP A 102 -8.05 -8.18 -11.50
C ASP A 102 -7.66 -9.67 -11.26
N GLN A 103 -8.43 -10.59 -11.85
CA GLN A 103 -8.20 -12.02 -11.79
C GLN A 103 -6.76 -12.35 -12.20
N ASP A 104 -6.34 -11.76 -13.29
CA ASP A 104 -5.03 -11.97 -13.83
C ASP A 104 -3.92 -11.75 -12.78
N LEU A 105 -4.02 -10.65 -12.04
CA LEU A 105 -3.04 -10.33 -11.03
C LEU A 105 -3.17 -11.20 -9.80
N ARG A 106 -4.39 -11.55 -9.42
CA ARG A 106 -4.60 -12.54 -8.40
C ARG A 106 -3.91 -13.88 -8.72
N ASP A 107 -4.01 -14.32 -9.96
CA ASP A 107 -3.42 -15.60 -10.35
C ASP A 107 -1.91 -15.56 -10.35
N GLN A 108 -1.33 -14.46 -10.83
CA GLN A 108 0.10 -14.17 -10.70
C GLN A 108 0.61 -14.20 -9.25
N TRP A 109 -0.16 -13.61 -8.33
CA TRP A 109 0.17 -13.61 -6.90
C TRP A 109 0.11 -15.03 -6.38
N MET A 110 -0.97 -15.77 -6.70
CA MET A 110 -1.04 -17.19 -6.28
C MET A 110 0.04 -18.11 -6.86
N TYR A 111 0.32 -17.95 -8.13
CA TYR A 111 1.38 -18.68 -8.80
C TYR A 111 2.71 -18.54 -8.04
N CYS A 112 3.08 -17.31 -7.69
CA CYS A 112 4.25 -17.07 -6.86
C CYS A 112 4.14 -17.74 -5.50
N MET A 113 2.98 -17.60 -4.84
CA MET A 113 2.86 -18.16 -3.45
C MET A 113 2.76 -19.72 -3.44
N ASN A 114 2.07 -20.30 -4.42
CA ASN A 114 2.15 -21.78 -4.69
C ASN A 114 3.59 -22.29 -4.82
N LYS A 115 4.34 -21.69 -5.72
CA LYS A 115 5.74 -22.07 -5.87
C LYS A 115 6.55 -21.95 -4.59
N THR A 116 6.28 -20.88 -3.82
CA THR A 116 6.93 -20.64 -2.56
C THR A 116 6.59 -21.74 -1.54
N LEU A 117 5.31 -22.03 -1.39
CA LEU A 117 4.84 -23.00 -0.41
C LEU A 117 5.27 -24.44 -0.72
N ASP A 118 5.30 -24.82 -2.00
CA ASP A 118 5.96 -26.07 -2.40
C ASP A 118 7.40 -26.15 -1.91
N LEU A 119 8.16 -25.08 -2.03
CA LEU A 119 9.56 -25.19 -1.60
C LEU A 119 9.73 -25.04 -0.09
N GLU A 120 8.82 -24.38 0.61
CA GLU A 120 9.12 -23.98 2.02
C GLU A 120 8.41 -24.83 3.02
N VAL A 121 7.33 -25.48 2.61
CA VAL A 121 6.50 -26.21 3.56
C VAL A 121 6.61 -27.71 3.26
N ASP A 122 7.28 -28.42 4.13
CA ASP A 122 7.52 -29.84 3.91
C ASP A 122 6.34 -30.73 4.37
N ASN A 123 5.59 -30.31 5.39
CA ASN A 123 4.30 -30.94 5.74
C ASN A 123 3.27 -30.82 4.61
N PRO A 124 2.84 -31.93 3.98
CA PRO A 124 1.93 -31.72 2.83
C PRO A 124 0.51 -31.31 3.21
N LEU A 125 0.12 -31.54 4.47
CA LEU A 125 -1.22 -31.15 4.89
C LEU A 125 -1.26 -29.64 5.08
N LEU A 126 -0.40 -29.14 5.97
CA LEU A 126 -0.20 -27.68 6.15
C LEU A 126 -0.04 -26.95 4.80
N ARG A 127 0.70 -27.55 3.87
CA ARG A 127 0.97 -26.89 2.62
C ARG A 127 -0.28 -26.65 1.84
N GLU A 128 -1.11 -27.69 1.72
CA GLU A 128 -2.40 -27.59 1.01
CA GLU A 128 -2.40 -27.58 1.01
C GLU A 128 -3.36 -26.67 1.79
N GLY A 129 -3.34 -26.78 3.11
CA GLY A 129 -4.08 -25.82 3.93
C GLY A 129 -3.68 -24.36 3.65
N LEU A 130 -2.39 -24.09 3.60
CA LEU A 130 -1.93 -22.70 3.37
C LEU A 130 -2.28 -22.22 1.98
N LYS A 131 -2.15 -23.07 0.99
CA LYS A 131 -2.50 -22.70 -0.37
C LYS A 131 -3.94 -22.25 -0.51
N GLN A 132 -4.85 -23.00 0.12
CA GLN A 132 -6.30 -22.71 0.01
C GLN A 132 -6.58 -21.42 0.72
N SER A 133 -6.04 -21.25 1.92
CA SER A 133 -6.32 -20.05 2.69
C SER A 133 -5.73 -18.72 2.10
N PHE A 134 -4.52 -18.78 1.55
CA PHE A 134 -4.00 -17.72 0.67
C PHE A 134 -4.88 -17.53 -0.55
N GLY A 135 -5.21 -18.61 -1.24
CA GLY A 135 -6.08 -18.57 -2.44
C GLY A 135 -7.36 -17.76 -2.21
N GLN A 136 -7.94 -17.91 -1.03
CA GLN A 136 -9.15 -17.19 -0.68
C GLN A 136 -8.88 -15.70 -0.42
N LEU A 137 -7.94 -15.39 0.48
CA LEU A 137 -7.48 -14.03 0.67
C LEU A 137 -7.17 -13.29 -0.64
N ALA A 138 -6.41 -13.92 -1.53
CA ALA A 138 -6.10 -13.35 -2.84
C ALA A 138 -7.33 -13.03 -3.63
N SER A 139 -8.29 -13.95 -3.66
CA SER A 139 -9.52 -13.69 -4.40
C SER A 139 -10.30 -12.52 -3.79
N HIS A 140 -10.26 -12.41 -2.48
CA HIS A 140 -10.92 -11.36 -1.70
C HIS A 140 -10.39 -9.97 -2.06
N MET A 141 -9.13 -9.85 -2.49
CA MET A 141 -8.52 -8.56 -2.84
C MET A 141 -8.98 -8.07 -4.19
N ILE A 142 -9.50 -8.97 -5.01
CA ILE A 142 -9.82 -8.64 -6.40
C ILE A 142 -10.81 -7.49 -6.30
N ASN A 143 -10.55 -6.42 -7.05
CA ASN A 143 -11.47 -5.26 -7.10
C ASN A 143 -11.72 -4.72 -8.49
N GLN A 144 -11.42 -5.49 -9.52
CA GLN A 144 -11.74 -5.13 -10.89
C GLN A 144 -12.17 -6.37 -11.68
N HIS A 145 -13.37 -6.29 -12.26
CA HIS A 145 -14.04 -7.41 -12.95
C HIS A 145 -14.49 -6.92 -14.31
N LYS B 22 -5.99 2.61 18.14
CA LYS B 22 -6.50 3.72 17.30
C LYS B 22 -5.95 3.67 15.83
N THR B 23 -6.78 4.14 14.89
CA THR B 23 -6.39 4.34 13.47
C THR B 23 -5.52 5.60 13.27
N PRO B 24 -4.73 5.62 12.19
CA PRO B 24 -4.05 6.87 11.87
C PRO B 24 -5.04 8.04 11.92
N TYR B 25 -6.23 7.80 11.35
CA TYR B 25 -7.29 8.79 11.28
C TYR B 25 -7.66 9.35 12.65
N GLU B 26 -7.86 8.48 13.65
CA GLU B 26 -8.15 8.92 15.04
C GLU B 26 -6.95 9.65 15.65
N ILE B 27 -5.78 9.05 15.54
CA ILE B 27 -4.59 9.68 16.10
C ILE B 27 -4.46 11.11 15.60
N LEU B 28 -4.76 11.34 14.32
CA LEU B 28 -4.61 12.68 13.73
C LEU B 28 -5.70 13.70 14.14
N GLY B 29 -6.69 13.27 14.92
CA GLY B 29 -7.81 14.14 15.27
C GLY B 29 -8.95 13.95 14.29
N GLY B 30 -8.95 12.84 13.57
CA GLY B 30 -10.06 12.52 12.68
C GLY B 30 -10.24 13.54 11.58
N GLU B 31 -11.49 13.83 11.27
CA GLU B 31 -11.83 14.61 10.09
C GLU B 31 -11.02 15.88 9.94
N ALA B 32 -10.84 16.64 11.02
CA ALA B 32 -10.14 17.93 11.00
C ALA B 32 -8.61 17.79 10.86
N GLY B 33 -8.08 16.63 11.20
CA GLY B 33 -6.66 16.35 11.02
C GLY B 33 -6.44 16.10 9.54
N ALA B 34 -7.24 15.17 8.99
CA ALA B 34 -7.28 14.83 7.56
C ALA B 34 -7.47 16.02 6.66
N LEU B 35 -8.41 16.87 7.03
CA LEU B 35 -8.62 18.14 6.34
C LEU B 35 -7.44 19.07 6.36
N ALA B 36 -6.70 19.09 7.46
CA ALA B 36 -5.55 20.02 7.61
C ALA B 36 -4.34 19.55 6.76
N ILE B 37 -4.11 18.25 6.74
CA ILE B 37 -3.18 17.66 5.81
C ILE B 37 -3.51 18.04 4.34
N ALA B 38 -4.72 17.75 3.87
CA ALA B 38 -5.10 18.03 2.48
C ALA B 38 -4.90 19.50 2.16
N ASN B 39 -5.37 20.37 3.07
CA ASN B 39 -5.21 21.82 2.84
C ASN B 39 -3.83 22.38 3.02
N ARG B 40 -3.09 21.86 3.95
CA ARG B 40 -1.70 22.24 3.99
C ARG B 40 -0.91 21.78 2.76
N PHE B 41 -1.24 20.59 2.25
CA PHE B 41 -0.56 20.05 1.07
C PHE B 41 -0.75 20.97 -0.17
N TYR B 42 -1.98 21.30 -0.53
CA TYR B 42 -2.25 22.24 -1.60
C TYR B 42 -1.80 23.67 -1.30
N ASP B 43 -1.73 24.10 -0.02
CA ASP B 43 -1.16 25.43 0.31
C ASP B 43 0.30 25.49 -0.17
N ILE B 44 1.10 24.49 0.22
CA ILE B 44 2.51 24.41 -0.14
C ILE B 44 2.61 24.25 -1.63
N MET B 45 1.82 23.37 -2.23
CA MET B 45 1.90 23.21 -3.67
C MET B 45 1.65 24.50 -4.46
N ALA B 46 0.75 25.35 -3.96
CA ALA B 46 0.32 26.56 -4.73
C ALA B 46 1.30 27.72 -4.56
N THR B 47 2.30 27.52 -3.69
CA THR B 47 3.02 28.56 -2.99
C THR B 47 4.55 28.37 -3.13
N ASP B 48 5.03 27.13 -3.04
CA ASP B 48 6.47 26.80 -3.14
C ASP B 48 6.83 26.50 -4.59
N GLU B 49 7.75 27.32 -5.11
CA GLU B 49 8.17 27.30 -6.52
C GLU B 49 8.87 26.01 -6.93
N TYR B 50 9.47 25.31 -5.98
CA TYR B 50 9.99 23.96 -6.26
C TYR B 50 8.89 23.09 -6.85
N ALA B 51 7.67 23.32 -6.41
CA ALA B 51 6.54 22.50 -6.85
C ALA B 51 5.81 23.08 -8.07
N LYS B 52 6.40 24.06 -8.74
CA LYS B 52 5.62 24.83 -9.69
C LYS B 52 5.08 23.97 -10.85
N PRO B 53 5.93 23.14 -11.46
CA PRO B 53 5.36 22.33 -12.55
C PRO B 53 4.20 21.43 -12.09
N LEU B 54 4.32 20.82 -10.91
CA LEU B 54 3.20 20.07 -10.31
C LEU B 54 1.95 20.96 -10.16
N TYR B 55 2.12 22.15 -9.60
CA TYR B 55 0.99 23.09 -9.42
C TYR B 55 0.30 23.43 -10.75
N ASP B 56 1.11 23.51 -11.80
CA ASP B 56 0.68 23.85 -13.15
C ASP B 56 -0.09 22.73 -13.83
N MET B 57 -0.03 21.51 -13.32
CA MET B 57 -0.92 20.45 -13.84
C MET B 57 -2.32 20.57 -13.33
N HIS B 58 -2.53 21.39 -12.31
CA HIS B 58 -3.85 21.49 -11.70
C HIS B 58 -4.74 22.62 -12.25
N PRO B 59 -5.90 22.24 -12.83
CA PRO B 59 -6.98 23.20 -13.10
C PRO B 59 -7.30 24.03 -11.86
N LEU B 60 -7.54 25.32 -12.05
CA LEU B 60 -7.76 26.24 -10.92
C LEU B 60 -9.22 26.67 -10.85
N PRO B 61 -9.71 27.03 -9.66
CA PRO B 61 -8.98 27.04 -8.39
C PRO B 61 -8.84 25.62 -7.82
N LEU B 62 -8.25 25.51 -6.64
CA LEU B 62 -7.95 24.20 -6.07
C LEU B 62 -8.99 23.76 -5.02
N ASP B 63 -10.09 24.49 -4.91
CA ASP B 63 -11.09 24.22 -3.89
C ASP B 63 -11.67 22.83 -4.05
N ARG B 64 -12.05 22.50 -5.27
CA ARG B 64 -12.58 21.19 -5.58
C ARG B 64 -11.58 20.04 -5.24
N ILE B 65 -10.36 20.11 -5.77
CA ILE B 65 -9.39 19.05 -5.49
C ILE B 65 -8.96 19.02 -4.01
N ARG B 66 -8.93 20.15 -3.31
CA ARG B 66 -8.66 20.09 -1.86
C ARG B 66 -9.66 19.15 -1.19
N GLN B 67 -10.92 19.30 -1.57
CA GLN B 67 -11.98 18.58 -0.94
C GLN B 67 -11.98 17.09 -1.33
N VAL B 68 -11.81 16.79 -2.62
CA VAL B 68 -11.69 15.40 -3.06
C VAL B 68 -10.49 14.65 -2.39
N PHE B 69 -9.34 15.30 -2.34
CA PHE B 69 -8.17 14.72 -1.63
C PHE B 69 -8.43 14.46 -0.12
N PHE B 70 -9.06 15.38 0.58
CA PHE B 70 -9.50 15.08 1.94
C PHE B 70 -10.46 13.88 1.97
N GLU B 71 -11.37 13.80 1.03
CA GLU B 71 -12.23 12.58 0.96
C GLU B 71 -11.40 11.31 0.80
N PHE B 72 -10.42 11.34 -0.08
CA PHE B 72 -9.49 10.19 -0.18
C PHE B 72 -8.79 9.87 1.15
N LEU B 73 -8.35 10.89 1.85
CA LEU B 73 -7.55 10.71 3.05
C LEU B 73 -8.39 10.11 4.15
N SER B 74 -9.55 10.71 4.43
CA SER B 74 -10.48 10.19 5.43
C SER B 74 -10.63 8.66 5.31
N GLY B 75 -10.92 8.15 4.13
CA GLY B 75 -10.99 6.70 3.91
C GLY B 75 -9.68 5.95 4.10
N TRP B 76 -8.60 6.49 3.52
CA TRP B 76 -7.32 5.80 3.47
C TRP B 76 -6.63 5.71 4.82
N LEU B 77 -6.76 6.75 5.63
CA LEU B 77 -6.31 6.82 7.00
C LEU B 77 -7.19 6.05 8.00
N GLY B 78 -8.33 5.54 7.50
CA GLY B 78 -9.10 4.51 8.18
C GLY B 78 -10.41 5.05 8.70
N GLY B 79 -10.71 6.32 8.40
CA GLY B 79 -11.94 6.98 8.86
C GLY B 79 -13.07 6.66 7.90
N PRO B 80 -14.12 7.51 7.89
CA PRO B 80 -15.25 7.22 6.98
C PRO B 80 -14.80 7.19 5.50
N ASP B 81 -15.37 6.31 4.69
CA ASP B 81 -14.91 6.05 3.31
C ASP B 81 -15.53 7.03 2.29
N LEU B 82 -15.32 8.33 2.55
CA LEU B 82 -15.89 9.44 1.79
C LEU B 82 -15.56 9.47 0.30
N PHE B 83 -14.32 9.13 -0.07
CA PHE B 83 -13.94 9.17 -1.50
C PHE B 83 -14.67 8.09 -2.34
N VAL B 84 -14.67 6.87 -1.83
CA VAL B 84 -15.35 5.75 -2.44
C VAL B 84 -16.86 5.98 -2.50
N ALA B 85 -17.45 6.49 -1.44
CA ALA B 85 -18.90 6.83 -1.48
C ALA B 85 -19.26 7.69 -2.74
N LYS B 86 -18.38 8.64 -3.11
CA LYS B 86 -18.64 9.61 -4.16
C LYS B 86 -18.09 9.17 -5.52
N HIS B 87 -16.98 8.43 -5.50
CA HIS B 87 -16.21 8.21 -6.71
C HIS B 87 -15.99 6.78 -7.11
N GLY B 88 -16.37 5.83 -6.25
CA GLY B 88 -15.99 4.43 -6.43
C GLY B 88 -14.55 4.15 -6.02
N HIS B 89 -13.99 3.09 -6.58
CA HIS B 89 -12.72 2.48 -6.10
C HIS B 89 -11.58 3.44 -6.37
N PRO B 90 -10.64 3.60 -5.39
CA PRO B 90 -9.60 4.61 -5.63
C PRO B 90 -8.84 4.38 -6.95
N MET B 91 -8.52 3.14 -7.27
CA MET B 91 -7.78 2.80 -8.50
C MET B 91 -6.82 3.95 -8.90
N LEU B 92 -5.87 4.29 -8.02
CA LEU B 92 -5.23 5.59 -8.19
C LEU B 92 -4.46 5.72 -9.48
N ARG B 93 -3.70 4.71 -9.82
CA ARG B 93 -2.88 4.77 -11.02
C ARG B 93 -3.72 5.06 -12.25
N LYS B 94 -4.85 4.36 -12.38
CA LYS B 94 -5.80 4.62 -13.47
C LYS B 94 -6.33 6.06 -13.54
N ARG B 95 -6.69 6.61 -12.37
CA ARG B 95 -7.19 7.98 -12.29
C ARG B 95 -6.13 9.02 -12.71
N HIS B 96 -4.86 8.64 -12.68
CA HIS B 96 -3.75 9.49 -13.02
C HIS B 96 -3.18 9.26 -14.41
N MET B 97 -3.67 8.27 -15.13
CA MET B 97 -3.23 8.03 -16.50
C MET B 97 -3.49 9.18 -17.46
N PRO B 98 -4.43 10.08 -17.17
CA PRO B 98 -4.48 11.23 -18.14
C PRO B 98 -3.31 12.20 -18.07
N PHE B 99 -2.40 12.02 -17.12
CA PHE B 99 -1.40 13.01 -16.79
C PHE B 99 -0.07 12.38 -17.02
N THR B 100 0.91 13.20 -17.40
CA THR B 100 2.29 12.72 -17.60
C THR B 100 3.05 12.92 -16.32
N ILE B 101 3.50 11.80 -15.78
CA ILE B 101 4.00 11.74 -14.44
C ILE B 101 5.33 11.02 -14.53
N ASP B 102 6.42 11.80 -14.33
CA ASP B 102 7.78 11.30 -14.28
C ASP B 102 8.33 11.38 -12.85
N GLN B 103 9.57 10.91 -12.69
CA GLN B 103 10.21 10.94 -11.41
C GLN B 103 10.16 12.34 -10.81
N ASP B 104 10.43 13.34 -11.65
CA ASP B 104 10.52 14.73 -11.18
C ASP B 104 9.22 15.16 -10.51
N LEU B 105 8.08 14.98 -11.16
CA LEU B 105 6.78 15.36 -10.58
C LEU B 105 6.46 14.56 -9.33
N ARG B 106 6.78 13.29 -9.36
CA ARG B 106 6.65 12.47 -8.18
C ARG B 106 7.45 13.03 -7.00
N ASP B 107 8.65 13.54 -7.27
CA ASP B 107 9.53 14.08 -6.20
C ASP B 107 8.99 15.44 -5.67
N GLN B 108 8.40 16.23 -6.53
CA GLN B 108 7.63 17.43 -6.11
C GLN B 108 6.37 17.14 -5.28
N TRP B 109 5.57 16.16 -5.70
CA TRP B 109 4.44 15.73 -4.91
C TRP B 109 4.99 15.34 -3.52
N MET B 110 6.01 14.48 -3.48
CA MET B 110 6.55 14.07 -2.20
C MET B 110 7.25 15.19 -1.47
N TYR B 111 7.81 16.14 -2.21
CA TYR B 111 8.43 17.28 -1.55
C TYR B 111 7.36 18.04 -0.71
N CYS B 112 6.20 18.29 -1.30
CA CYS B 112 5.10 18.98 -0.62
C CYS B 112 4.53 18.16 0.53
N MET B 113 4.36 16.86 0.30
CA MET B 113 3.82 16.02 1.37
C MET B 113 4.80 15.89 2.54
N ASN B 114 6.08 15.70 2.24
CA ASN B 114 7.11 15.67 3.31
C ASN B 114 6.98 16.91 4.21
N LYS B 115 6.95 18.10 3.60
CA LYS B 115 6.80 19.33 4.41
C LYS B 115 5.49 19.37 5.19
N THR B 116 4.41 18.95 4.53
CA THR B 116 3.08 18.92 5.15
C THR B 116 3.06 18.12 6.45
N LEU B 117 3.65 16.92 6.41
CA LEU B 117 3.56 15.98 7.50
C LEU B 117 4.50 16.40 8.65
N ASP B 118 5.62 16.99 8.25
CA ASP B 118 6.45 17.72 9.20
C ASP B 118 5.68 18.79 9.95
N LEU B 119 4.75 19.48 9.32
CA LEU B 119 4.04 20.56 10.03
C LEU B 119 2.78 20.06 10.74
N GLU B 120 2.16 19.01 10.25
CA GLU B 120 0.82 18.65 10.71
C GLU B 120 0.74 17.40 11.58
N VAL B 121 1.76 16.53 11.58
CA VAL B 121 1.75 15.29 12.37
C VAL B 121 2.76 15.31 13.52
N ASP B 122 2.32 15.32 14.78
CA ASP B 122 3.25 15.46 15.91
C ASP B 122 3.94 14.14 16.18
N ASN B 123 3.16 13.07 16.13
CA ASN B 123 3.68 11.73 16.37
C ASN B 123 4.79 11.38 15.36
N PRO B 124 6.07 11.39 15.81
CA PRO B 124 7.12 11.21 14.83
C PRO B 124 7.13 9.83 14.17
N LEU B 125 6.54 8.84 14.86
CA LEU B 125 6.50 7.45 14.39
C LEU B 125 5.47 7.38 13.27
N LEU B 126 4.28 7.89 13.59
CA LEU B 126 3.18 7.99 12.63
C LEU B 126 3.59 8.80 11.41
N ARG B 127 4.10 10.01 11.65
CA ARG B 127 4.55 10.87 10.57
C ARG B 127 5.38 10.13 9.53
N GLU B 128 6.34 9.38 10.04
CA GLU B 128 7.28 8.72 9.21
C GLU B 128 6.65 7.52 8.52
N GLY B 129 5.71 6.87 9.20
CA GLY B 129 4.96 5.78 8.62
C GLY B 129 4.11 6.29 7.46
N LEU B 130 3.48 7.44 7.65
CA LEU B 130 2.76 8.09 6.54
C LEU B 130 3.65 8.55 5.34
N LYS B 131 4.84 9.09 5.63
CA LYS B 131 5.79 9.47 4.58
C LYS B 131 6.10 8.30 3.71
N GLN B 132 6.38 7.17 4.32
CA GLN B 132 6.74 5.98 3.54
C GLN B 132 5.58 5.45 2.64
N SER B 133 4.37 5.42 3.21
CA SER B 133 3.18 4.89 2.47
C SER B 133 2.77 5.85 1.37
N PHE B 134 2.73 7.15 1.65
CA PHE B 134 2.64 8.15 0.57
C PHE B 134 3.75 7.96 -0.44
N GLY B 135 4.97 7.70 0.03
CA GLY B 135 6.12 7.53 -0.84
C GLY B 135 5.90 6.46 -1.86
N GLN B 136 5.50 5.29 -1.37
CA GLN B 136 5.21 4.09 -2.19
C GLN B 136 4.08 4.34 -3.19
N LEU B 137 3.03 5.03 -2.75
CA LEU B 137 1.86 5.30 -3.67
C LEU B 137 2.29 6.27 -4.76
N ALA B 138 3.06 7.29 -4.36
CA ALA B 138 3.51 8.25 -5.37
C ALA B 138 4.43 7.60 -6.43
N SER B 139 5.37 6.76 -6.02
CA SER B 139 6.26 6.11 -7.00
C SER B 139 5.39 5.20 -7.88
N HIS B 140 4.32 4.65 -7.31
CA HIS B 140 3.40 3.81 -8.09
C HIS B 140 2.69 4.57 -9.16
N MET B 141 2.52 5.88 -9.01
CA MET B 141 1.78 6.66 -10.02
C MET B 141 2.56 6.97 -11.27
N ILE B 142 3.88 6.87 -11.15
CA ILE B 142 4.79 7.27 -12.21
C ILE B 142 4.46 6.49 -13.48
N ASN B 143 4.16 7.18 -14.56
CA ASN B 143 3.67 6.55 -15.79
C ASN B 143 4.53 6.91 -17.00
N GLN B 144 5.73 7.39 -16.67
CA GLN B 144 6.78 7.68 -17.63
C GLN B 144 8.16 7.65 -16.93
N HIS B 145 9.06 6.70 -17.21
CA HIS B 145 8.94 5.60 -18.20
C HIS B 145 8.73 6.09 -19.61
#